data_8D1P
#
_entry.id   8D1P
#
_cell.length_a   84.265
_cell.length_b   84.265
_cell.length_c   291.778
_cell.angle_alpha   90.00
_cell.angle_beta   90.00
_cell.angle_gamma   120.00
#
_symmetry.space_group_name_H-M   'P 65 2 2'
#
loop_
_entity.id
_entity.type
_entity.pdbx_description
1 polymer 'Chaperone DnaK'
2 non-polymer 7-(2-C-methyl-beta-D-ribofuranosyl)-7H-pyrrolo[2,3-d]pyrimidin-4-amine
3 non-polymer 'SULFATE ION'
4 water water
#
_entity_poly.entity_id   1
_entity_poly.type   'polypeptide(L)'
_entity_poly.pdbx_seq_one_letter_code
;MHHHHHHSSGRENLYFQGIEGPVIGIDLGTTYSCVGVFKNGRVEILNNELGNRITPSYVSFVDGERKVGEAAKLEATLHP
TQTVFDVKRLIGRKFDDQEVVKDRSLLPYEIVNNQGKPNIKVQIKDKDTTFAPEQISAMVLEKMKEIAQSFLGKPVKNAV
VTVPAYFNDAQRQATKDAGTIAGLNIVRIINEPTAAALAYGLDKKEETSILVYDLGGGTFDVSILVIDNGVFEVYATAGN
THLGGEDFDQRVMDYFIKMFKKKNNIDLRTDKRAIQKLRKEVEIAKRNLSVVHSTQIEIEDIVEGHNFSETLTRAKFEEL
NDDLFRETLEPVKKVLDDAKYEKSKIDEIVLVGGSTRIPKIQQIIKEFFNGKEPNRGINPDEAVAYGAAIQAGIILG
;
_entity_poly.pdbx_strand_id   A
#
loop_
_chem_comp.id
_chem_comp.type
_chem_comp.name
_chem_comp.formula
H5V non-polymer 7-(2-C-methyl-beta-D-ribofuranosyl)-7H-pyrrolo[2,3-d]pyrimidin-4-amine 'C12 H16 N4 O4'
SO4 non-polymer 'SULFATE ION' 'O4 S -2'
#
# COMPACT_ATOMS: atom_id res chain seq x y z
N GLY A 21 -14.11 -25.13 6.98
CA GLY A 21 -13.81 -24.01 7.93
C GLY A 21 -13.83 -22.69 7.20
N PRO A 22 -13.57 -21.56 7.89
CA PRO A 22 -13.60 -20.23 7.29
C PRO A 22 -12.40 -19.93 6.39
N VAL A 23 -12.64 -19.13 5.37
CA VAL A 23 -11.57 -18.66 4.43
C VAL A 23 -11.67 -17.14 4.46
N ILE A 24 -10.61 -16.48 4.89
CA ILE A 24 -10.53 -14.99 4.93
C ILE A 24 -9.78 -14.49 3.70
N GLY A 25 -9.90 -13.20 3.44
CA GLY A 25 -9.25 -12.51 2.35
C GLY A 25 -8.25 -11.49 2.88
N ILE A 26 -7.00 -11.57 2.42
CA ILE A 26 -5.96 -10.63 2.90
C ILE A 26 -5.28 -9.97 1.74
N ASP A 27 -5.29 -8.64 1.77
CA ASP A 27 -4.46 -7.78 0.93
C ASP A 27 -3.18 -7.59 1.70
N LEU A 28 -2.11 -8.25 1.25
CA LEU A 28 -0.78 -8.10 1.90
C LEU A 28 0.00 -7.05 1.11
N GLY A 29 -0.16 -5.78 1.49
CA GLY A 29 0.29 -4.68 0.63
C GLY A 29 1.74 -4.31 0.96
N THR A 30 2.32 -3.41 0.20
CA THR A 30 3.71 -2.95 0.47
C THR A 30 3.74 -2.16 1.77
N THR A 31 2.88 -1.14 1.91
CA THR A 31 2.85 -0.27 3.14
C THR A 31 1.78 -0.70 4.16
N TYR A 32 0.66 -1.29 3.76
CA TYR A 32 -0.53 -1.60 4.60
C TYR A 32 -1.09 -2.97 4.20
N SER A 33 -1.57 -3.75 5.16
N SER A 33 -1.77 -3.59 5.16
CA SER A 33 -2.46 -4.90 4.88
CA SER A 33 -2.49 -4.85 5.01
C SER A 33 -3.90 -4.54 5.27
C SER A 33 -3.92 -4.73 5.57
N CYS A 34 -4.81 -5.45 4.93
CA CYS A 34 -6.27 -5.29 5.09
C CYS A 34 -6.84 -6.69 5.05
N VAL A 35 -7.76 -7.02 5.97
CA VAL A 35 -8.36 -8.36 6.00
C VAL A 35 -9.90 -8.17 5.97
N GLY A 36 -10.55 -9.04 5.20
CA GLY A 36 -12.00 -9.14 5.09
C GLY A 36 -12.43 -10.59 5.21
N VAL A 37 -13.68 -10.77 5.65
CA VAL A 37 -14.34 -12.08 5.75
C VAL A 37 -15.63 -11.94 4.95
N PHE A 38 -16.10 -13.03 4.41
CA PHE A 38 -17.42 -13.11 3.76
C PHE A 38 -18.32 -13.88 4.74
N LYS A 39 -19.28 -13.18 5.34
CA LYS A 39 -20.16 -13.77 6.39
C LYS A 39 -21.61 -13.31 6.17
N ASN A 40 -22.57 -14.25 6.15
CA ASN A 40 -24.02 -13.91 5.97
C ASN A 40 -24.26 -13.14 4.69
N GLY A 41 -23.53 -13.46 3.63
CA GLY A 41 -23.71 -12.78 2.34
C GLY A 41 -23.15 -11.40 2.25
N ARG A 42 -22.27 -10.95 3.16
CA ARG A 42 -21.68 -9.60 3.07
C ARG A 42 -20.16 -9.73 3.25
N VAL A 43 -19.40 -8.87 2.62
CA VAL A 43 -17.94 -8.72 2.94
C VAL A 43 -17.84 -7.76 4.09
N GLU A 44 -17.12 -8.14 5.14
CA GLU A 44 -16.84 -7.26 6.31
C GLU A 44 -15.32 -7.05 6.32
N ILE A 45 -14.88 -5.83 6.09
CA ILE A 45 -13.46 -5.43 6.18
C ILE A 45 -13.28 -5.13 7.67
N LEU A 46 -12.37 -5.84 8.36
CA LEU A 46 -12.30 -5.84 9.84
C LEU A 46 -11.34 -4.77 10.36
N ASN A 47 -11.70 -4.23 11.52
CA ASN A 47 -10.94 -3.16 12.19
C ASN A 47 -9.83 -3.79 13.01
N ASN A 48 -8.67 -3.12 13.06
CA ASN A 48 -7.56 -3.54 13.95
C ASN A 48 -7.92 -3.03 15.35
N GLU A 49 -7.05 -3.29 16.33
CA GLU A 49 -7.27 -2.97 17.78
C GLU A 49 -7.50 -1.47 17.95
N LEU A 50 -7.05 -0.62 17.03
CA LEU A 50 -7.16 0.86 17.10
C LEU A 50 -8.32 1.41 16.22
N GLY A 51 -9.17 0.54 15.68
CA GLY A 51 -10.34 0.92 14.84
C GLY A 51 -9.92 1.36 13.43
N ASN A 52 -8.81 0.84 12.88
CA ASN A 52 -8.44 1.19 11.48
CA ASN A 52 -8.40 1.17 11.49
C ASN A 52 -8.65 -0.07 10.63
N ARG A 53 -9.16 0.15 9.42
CA ARG A 53 -9.52 -0.94 8.48
C ARG A 53 -8.26 -1.36 7.70
N ILE A 54 -7.20 -0.53 7.73
CA ILE A 54 -5.86 -0.89 7.21
C ILE A 54 -4.79 -0.82 8.33
N THR A 55 -3.80 -1.72 8.27
CA THR A 55 -2.77 -1.94 9.34
C THR A 55 -1.40 -1.78 8.69
N PRO A 56 -0.51 -0.87 9.16
CA PRO A 56 0.81 -0.73 8.55
C PRO A 56 1.53 -2.08 8.54
N SER A 57 2.22 -2.39 7.45
CA SER A 57 2.95 -3.67 7.31
C SER A 57 4.33 -3.48 7.96
N TYR A 58 4.32 -3.29 9.26
CA TYR A 58 5.51 -2.91 10.06
C TYR A 58 5.64 -3.93 11.18
N VAL A 59 6.90 -4.25 11.48
CA VAL A 59 7.25 -5.10 12.65
C VAL A 59 8.45 -4.43 13.32
N SER A 60 8.41 -4.28 14.64
CA SER A 60 9.51 -3.68 15.43
C SER A 60 10.06 -4.69 16.42
N PHE A 61 11.39 -4.58 16.64
CA PHE A 61 12.19 -5.44 17.53
C PHE A 61 13.02 -4.55 18.47
N VAL A 62 12.34 -3.98 19.45
CA VAL A 62 12.90 -2.95 20.38
C VAL A 62 12.76 -3.48 21.81
N ASP A 63 13.85 -3.48 22.58
CA ASP A 63 13.78 -3.65 24.06
C ASP A 63 13.18 -5.01 24.40
N GLY A 64 13.53 -6.05 23.66
CA GLY A 64 13.03 -7.41 23.93
C GLY A 64 11.54 -7.58 23.65
N GLU A 65 10.86 -6.63 22.99
CA GLU A 65 9.44 -6.89 22.58
C GLU A 65 9.30 -6.79 21.06
N ARG A 66 8.34 -7.53 20.53
CA ARG A 66 8.03 -7.51 19.11
C ARG A 66 6.67 -6.84 18.98
N LYS A 67 6.55 -5.84 18.14
CA LYS A 67 5.22 -5.22 17.87
C LYS A 67 4.93 -5.37 16.38
N VAL A 68 3.65 -5.40 16.02
CA VAL A 68 3.24 -5.53 14.60
C VAL A 68 2.14 -4.48 14.35
N GLY A 69 2.23 -3.76 13.24
CA GLY A 69 1.18 -2.80 12.83
C GLY A 69 1.47 -1.40 13.31
N GLU A 70 0.44 -0.71 13.81
N GLU A 70 0.44 -0.70 13.80
CA GLU A 70 0.60 0.73 14.11
CA GLU A 70 0.62 0.75 14.08
C GLU A 70 1.64 0.94 15.21
C GLU A 70 1.63 0.96 15.23
N ALA A 71 1.57 0.14 16.28
CA ALA A 71 2.51 0.28 17.41
C ALA A 71 3.96 0.13 16.92
N ALA A 72 4.18 -0.75 15.96
CA ALA A 72 5.53 -0.95 15.34
C ALA A 72 5.91 0.27 14.52
N LYS A 73 5.01 0.80 13.72
CA LYS A 73 5.39 1.95 12.90
C LYS A 73 5.80 3.12 13.82
N LEU A 74 5.18 3.25 14.99
CA LEU A 74 5.51 4.39 15.89
C LEU A 74 6.97 4.28 16.39
N GLU A 75 7.53 3.06 16.42
CA GLU A 75 8.94 2.81 16.82
C GLU A 75 9.91 3.30 15.77
N ALA A 76 9.47 3.54 14.52
CA ALA A 76 10.38 3.87 13.41
C ALA A 76 11.17 5.14 13.72
N THR A 77 10.57 6.14 14.38
CA THR A 77 11.23 7.46 14.63
C THR A 77 12.45 7.28 15.53
N LEU A 78 12.31 6.63 16.68
CA LEU A 78 13.43 6.52 17.65
C LEU A 78 14.27 5.24 17.43
N HIS A 79 13.75 4.23 16.74
CA HIS A 79 14.48 2.95 16.49
C HIS A 79 14.41 2.52 15.03
N PRO A 80 14.98 3.33 14.12
CA PRO A 80 14.79 3.11 12.69
C PRO A 80 15.47 1.80 12.25
N THR A 81 16.58 1.39 12.90
CA THR A 81 17.29 0.15 12.49
C THR A 81 16.52 -1.12 12.95
N GLN A 82 15.60 -1.01 13.90
CA GLN A 82 14.88 -2.15 14.50
C GLN A 82 13.44 -2.22 13.97
N THR A 83 13.01 -1.31 13.08
CA THR A 83 11.61 -1.24 12.62
C THR A 83 11.58 -1.64 11.15
N VAL A 84 11.06 -2.83 10.89
CA VAL A 84 11.13 -3.46 9.55
C VAL A 84 9.80 -3.16 8.85
N PHE A 85 9.89 -2.82 7.58
CA PHE A 85 8.71 -2.48 6.75
C PHE A 85 9.11 -2.70 5.30
N ASP A 86 8.13 -2.60 4.40
CA ASP A 86 8.40 -2.68 2.93
C ASP A 86 9.07 -4.04 2.56
N VAL A 87 8.89 -5.07 3.36
N VAL A 87 8.89 -5.10 3.34
CA VAL A 87 9.49 -6.40 3.04
CA VAL A 87 9.52 -6.43 3.02
C VAL A 87 8.95 -6.92 1.69
C VAL A 87 8.91 -7.01 1.73
N LYS A 88 7.77 -6.48 1.27
CA LYS A 88 7.18 -6.97 0.03
C LYS A 88 8.12 -6.60 -1.12
N ARG A 89 8.95 -5.57 -0.95
CA ARG A 89 9.94 -5.21 -1.98
C ARG A 89 11.07 -6.26 -2.08
N LEU A 90 11.27 -7.05 -1.04
CA LEU A 90 12.38 -8.02 -1.01
C LEU A 90 11.91 -9.46 -1.27
N ILE A 91 10.68 -9.80 -0.93
CA ILE A 91 10.23 -11.20 -0.79
C ILE A 91 10.46 -11.90 -2.13
N GLY A 92 11.11 -13.08 -2.12
CA GLY A 92 11.29 -13.93 -3.29
C GLY A 92 12.30 -13.39 -4.25
N ARG A 93 13.01 -12.31 -3.92
CA ARG A 93 14.05 -11.77 -4.80
C ARG A 93 15.46 -12.27 -4.40
N LYS A 94 16.45 -11.85 -5.17
CA LYS A 94 17.89 -12.17 -4.95
C LYS A 94 18.59 -10.91 -4.45
N PHE A 95 19.60 -11.08 -3.60
CA PHE A 95 20.32 -9.95 -2.99
C PHE A 95 20.91 -9.01 -4.07
N ASP A 96 21.41 -9.57 -5.18
CA ASP A 96 22.09 -8.79 -6.26
C ASP A 96 21.12 -8.29 -7.32
N ASP A 97 19.81 -8.55 -7.22
CA ASP A 97 18.83 -7.94 -8.14
C ASP A 97 18.98 -6.41 -8.07
N GLN A 98 18.98 -5.72 -9.20
CA GLN A 98 19.04 -4.24 -9.30
C GLN A 98 18.02 -3.60 -8.33
N GLU A 99 16.80 -4.13 -8.28
CA GLU A 99 15.72 -3.57 -7.40
C GLU A 99 16.14 -3.67 -5.91
N VAL A 100 16.74 -4.78 -5.48
CA VAL A 100 17.07 -5.01 -4.05
C VAL A 100 18.30 -4.15 -3.66
N VAL A 101 19.26 -4.01 -4.55
CA VAL A 101 20.44 -3.09 -4.37
C VAL A 101 19.92 -1.68 -4.11
N LYS A 102 18.95 -1.21 -4.89
CA LYS A 102 18.30 0.11 -4.73
C LYS A 102 17.56 0.18 -3.38
N ASP A 103 16.74 -0.82 -3.04
CA ASP A 103 15.99 -0.85 -1.77
C ASP A 103 16.94 -0.92 -0.56
N ARG A 104 18.05 -1.65 -0.66
CA ARG A 104 19.01 -1.64 0.48
C ARG A 104 19.52 -0.23 0.75
N SER A 105 19.78 0.56 -0.29
N SER A 105 19.77 0.56 -0.28
CA SER A 105 20.28 1.96 -0.16
CA SER A 105 20.29 1.95 -0.11
C SER A 105 19.21 2.84 0.49
C SER A 105 19.21 2.85 0.46
N LEU A 106 17.92 2.51 0.31
CA LEU A 106 16.81 3.35 0.83
C LEU A 106 16.39 2.93 2.24
N LEU A 107 16.47 1.65 2.59
CA LEU A 107 15.86 1.14 3.82
C LEU A 107 16.84 1.23 4.98
N PRO A 108 16.37 1.58 6.18
CA PRO A 108 17.30 1.83 7.29
C PRO A 108 17.72 0.60 8.08
N TYR A 109 16.97 -0.50 7.98
CA TYR A 109 17.28 -1.72 8.72
C TYR A 109 18.30 -2.47 7.85
N GLU A 110 19.11 -3.27 8.50
CA GLU A 110 20.19 -4.01 7.81
C GLU A 110 19.60 -5.15 6.96
N ILE A 111 20.02 -5.25 5.70
CA ILE A 111 19.70 -6.37 4.76
C ILE A 111 21.03 -7.06 4.39
N VAL A 112 21.09 -8.35 4.63
CA VAL A 112 22.30 -9.22 4.50
C VAL A 112 22.04 -10.25 3.41
N ASN A 113 23.11 -10.79 2.88
CA ASN A 113 23.10 -11.77 1.79
C ASN A 113 23.16 -13.13 2.44
N ASN A 114 22.06 -13.88 2.41
CA ASN A 114 22.04 -15.25 2.93
C ASN A 114 21.90 -16.17 1.71
N GLN A 115 23.02 -16.71 1.24
CA GLN A 115 23.07 -17.66 0.09
C GLN A 115 22.35 -17.05 -1.13
N GLY A 116 22.59 -15.76 -1.43
CA GLY A 116 22.09 -15.11 -2.65
C GLY A 116 20.74 -14.40 -2.42
N LYS A 117 20.16 -14.56 -1.24
CA LYS A 117 18.82 -13.97 -0.96
C LYS A 117 18.90 -12.94 0.17
N PRO A 118 18.07 -11.89 0.09
CA PRO A 118 18.10 -10.83 1.09
C PRO A 118 17.43 -11.35 2.35
N ASN A 119 18.10 -11.21 3.49
CA ASN A 119 17.53 -11.43 4.82
C ASN A 119 17.63 -10.14 5.66
N ILE A 120 16.81 -10.05 6.68
CA ILE A 120 16.66 -8.81 7.49
C ILE A 120 17.39 -9.10 8.79
N LYS A 121 18.30 -8.22 9.18
CA LYS A 121 19.00 -8.43 10.46
C LYS A 121 18.66 -7.32 11.45
N VAL A 122 18.20 -7.72 12.63
CA VAL A 122 17.90 -6.82 13.75
C VAL A 122 18.55 -7.39 15.01
N GLN A 123 18.32 -6.71 16.09
CA GLN A 123 18.71 -7.16 17.45
C GLN A 123 17.49 -7.42 18.29
N ILE A 124 17.50 -8.57 18.94
CA ILE A 124 16.50 -8.87 19.99
C ILE A 124 17.25 -9.04 21.33
N LYS A 125 17.06 -8.16 22.31
CA LYS A 125 17.84 -8.15 23.58
C LYS A 125 19.35 -8.17 23.25
N ASP A 126 19.73 -7.34 22.28
CA ASP A 126 21.13 -7.08 21.80
C ASP A 126 21.66 -8.19 20.89
N LYS A 127 20.96 -9.32 20.74
CA LYS A 127 21.46 -10.46 19.94
C LYS A 127 21.11 -10.27 18.47
N ASP A 128 22.08 -10.43 17.59
CA ASP A 128 21.86 -10.40 16.14
C ASP A 128 20.90 -11.51 15.76
N THR A 129 19.80 -11.14 15.08
CA THR A 129 18.75 -12.10 14.67
C THR A 129 18.42 -11.80 13.21
N THR A 130 18.40 -12.84 12.37
N THR A 130 18.43 -12.84 12.38
CA THR A 130 18.28 -12.73 10.90
CA THR A 130 18.22 -12.71 10.94
C THR A 130 16.97 -13.42 10.47
C THR A 130 16.85 -13.32 10.64
N PHE A 131 16.15 -12.70 9.71
CA PHE A 131 14.82 -13.16 9.24
C PHE A 131 14.82 -13.17 7.72
N ALA A 132 14.22 -14.20 7.17
CA ALA A 132 13.78 -14.18 5.76
C ALA A 132 12.64 -13.16 5.64
N PRO A 133 12.46 -12.52 4.46
CA PRO A 133 11.30 -11.68 4.20
C PRO A 133 9.97 -12.39 4.53
N GLU A 134 9.87 -13.68 4.22
CA GLU A 134 8.59 -14.40 4.45
C GLU A 134 8.34 -14.55 5.94
N GLN A 135 9.37 -14.57 6.80
CA GLN A 135 9.15 -14.62 8.24
C GLN A 135 8.57 -13.29 8.75
N ILE A 136 8.96 -12.16 8.18
CA ILE A 136 8.40 -10.85 8.60
C ILE A 136 6.97 -10.76 8.06
N SER A 137 6.76 -11.04 6.78
CA SER A 137 5.38 -11.11 6.21
C SER A 137 4.46 -12.03 6.99
N ALA A 138 4.96 -13.16 7.49
CA ALA A 138 4.21 -14.11 8.32
C ALA A 138 3.70 -13.40 9.58
N MET A 139 4.50 -12.51 10.16
CA MET A 139 4.08 -11.82 11.38
C MET A 139 2.90 -10.89 11.04
N VAL A 140 2.96 -10.23 9.90
CA VAL A 140 1.84 -9.35 9.46
C VAL A 140 0.60 -10.23 9.21
N LEU A 141 0.76 -11.34 8.50
CA LEU A 141 -0.37 -12.28 8.23
C LEU A 141 -0.95 -12.83 9.52
N GLU A 142 -0.13 -13.10 10.54
CA GLU A 142 -0.60 -13.61 11.84
C GLU A 142 -1.51 -12.58 12.50
N LYS A 143 -1.13 -11.32 12.44
CA LYS A 143 -1.95 -10.26 13.07
C LYS A 143 -3.30 -10.16 12.33
N MET A 144 -3.29 -10.26 11.01
CA MET A 144 -4.56 -10.20 10.21
C MET A 144 -5.46 -11.39 10.57
N LYS A 145 -4.85 -12.56 10.69
CA LYS A 145 -5.49 -13.84 11.10
C LYS A 145 -6.18 -13.68 12.45
N GLU A 146 -5.45 -13.17 13.44
CA GLU A 146 -5.95 -12.92 14.83
C GLU A 146 -7.16 -11.98 14.79
N ILE A 147 -7.13 -10.90 13.99
CA ILE A 147 -8.29 -9.98 13.84
C ILE A 147 -9.49 -10.80 13.38
N ALA A 148 -9.36 -11.57 12.32
CA ALA A 148 -10.46 -12.39 11.77
C ALA A 148 -10.95 -13.38 12.83
N GLN A 149 -10.03 -13.99 13.55
CA GLN A 149 -10.32 -15.12 14.48
C GLN A 149 -11.20 -14.62 15.63
N SER A 150 -10.92 -13.43 16.12
CA SER A 150 -11.67 -12.80 17.23
C SER A 150 -13.00 -12.27 16.72
N PHE A 151 -13.04 -11.53 15.60
CA PHE A 151 -14.31 -11.20 14.89
C PHE A 151 -15.16 -12.46 14.71
N LEU A 152 -14.63 -13.55 14.17
CA LEU A 152 -15.47 -14.72 13.82
C LEU A 152 -15.75 -15.63 15.04
N GLY A 153 -15.01 -15.50 16.15
CA GLY A 153 -15.02 -16.44 17.31
C GLY A 153 -14.71 -17.88 16.91
N LYS A 154 -13.75 -18.08 16.01
CA LYS A 154 -13.40 -19.41 15.46
C LYS A 154 -11.96 -19.38 15.00
N PRO A 155 -11.21 -20.50 15.06
CA PRO A 155 -9.89 -20.58 14.45
C PRO A 155 -9.96 -20.38 12.92
N VAL A 156 -8.95 -19.72 12.36
CA VAL A 156 -8.84 -19.49 10.88
C VAL A 156 -7.58 -20.19 10.39
N LYS A 157 -7.70 -21.07 9.41
CA LYS A 157 -6.56 -21.89 8.90
C LYS A 157 -6.34 -21.64 7.42
N ASN A 158 -7.24 -20.92 6.73
CA ASN A 158 -7.24 -20.81 5.26
C ASN A 158 -7.45 -19.35 4.82
N ALA A 159 -6.82 -18.93 3.74
CA ALA A 159 -6.96 -17.54 3.29
C ALA A 159 -6.75 -17.48 1.79
N VAL A 160 -7.38 -16.48 1.17
CA VAL A 160 -7.01 -15.96 -0.14
C VAL A 160 -6.10 -14.77 0.11
N VAL A 161 -4.93 -14.78 -0.52
CA VAL A 161 -3.97 -13.66 -0.39
C VAL A 161 -3.65 -13.10 -1.76
N THR A 162 -3.51 -11.79 -1.83
CA THR A 162 -3.25 -11.09 -3.08
C THR A 162 -1.75 -10.84 -3.33
N VAL A 163 -1.38 -10.78 -4.60
CA VAL A 163 -0.04 -10.40 -5.08
C VAL A 163 -0.20 -9.50 -6.27
N PRO A 164 0.81 -8.65 -6.58
CA PRO A 164 0.90 -7.93 -7.82
C PRO A 164 0.98 -8.88 -9.01
N ALA A 165 0.34 -8.52 -10.13
CA ALA A 165 0.35 -9.34 -11.35
C ALA A 165 1.80 -9.60 -11.79
N TYR A 166 2.71 -8.65 -11.53
CA TYR A 166 4.11 -8.82 -11.97
C TYR A 166 4.85 -9.86 -11.11
N PHE A 167 4.34 -10.30 -9.95
CA PHE A 167 5.04 -11.26 -9.08
C PHE A 167 5.37 -12.50 -9.90
N ASN A 168 6.63 -12.98 -9.83
CA ASN A 168 7.07 -14.25 -10.47
C ASN A 168 6.81 -15.41 -9.53
N ASP A 169 7.07 -16.65 -9.98
CA ASP A 169 6.74 -17.83 -9.17
C ASP A 169 7.49 -17.81 -7.83
N ALA A 170 8.74 -17.36 -7.78
CA ALA A 170 9.48 -17.34 -6.50
C ALA A 170 8.81 -16.36 -5.51
N GLN A 171 8.36 -15.22 -6.03
CA GLN A 171 7.68 -14.17 -5.19
C GLN A 171 6.33 -14.70 -4.66
N ARG A 172 5.55 -15.41 -5.48
CA ARG A 172 4.28 -16.02 -5.08
C ARG A 172 4.56 -17.15 -4.09
N GLN A 173 5.59 -17.97 -4.36
CA GLN A 173 5.84 -19.12 -3.43
C GLN A 173 6.28 -18.57 -2.08
N ALA A 174 7.10 -17.52 -2.06
CA ALA A 174 7.59 -16.94 -0.80
C ALA A 174 6.37 -16.38 -0.03
N THR A 175 5.38 -15.85 -0.73
CA THR A 175 4.17 -15.32 -0.10
C THR A 175 3.38 -16.50 0.49
N LYS A 176 3.27 -17.60 -0.26
CA LYS A 176 2.59 -18.81 0.27
C LYS A 176 3.32 -19.33 1.50
N ASP A 177 4.67 -19.30 1.43
CA ASP A 177 5.51 -19.71 2.59
C ASP A 177 5.25 -18.82 3.82
N ALA A 178 5.12 -17.51 3.65
CA ALA A 178 4.73 -16.63 4.77
C ALA A 178 3.39 -17.10 5.37
N GLY A 179 2.42 -17.46 4.54
CA GLY A 179 1.12 -17.99 5.03
C GLY A 179 1.33 -19.23 5.90
N THR A 180 2.15 -20.18 5.43
CA THR A 180 2.40 -21.46 6.15
C THR A 180 3.01 -21.17 7.53
N ILE A 181 3.98 -20.25 7.58
CA ILE A 181 4.61 -19.84 8.86
C ILE A 181 3.52 -19.28 9.75
N ALA A 182 2.61 -18.49 9.20
CA ALA A 182 1.55 -17.84 9.98
C ALA A 182 0.44 -18.81 10.40
N GLY A 183 0.44 -20.06 9.97
CA GLY A 183 -0.64 -21.01 10.27
C GLY A 183 -1.81 -20.89 9.28
N LEU A 184 -1.57 -20.30 8.09
CA LEU A 184 -2.55 -20.15 6.98
C LEU A 184 -2.19 -21.04 5.81
N ASN A 185 -3.10 -21.94 5.44
CA ASN A 185 -3.09 -22.55 4.11
C ASN A 185 -3.55 -21.44 3.15
N ILE A 186 -2.70 -20.98 2.26
CA ILE A 186 -3.14 -20.01 1.22
C ILE A 186 -3.76 -20.82 0.10
N VAL A 187 -5.10 -20.89 0.09
CA VAL A 187 -5.89 -21.77 -0.82
C VAL A 187 -5.92 -21.16 -2.21
N ARG A 188 -5.68 -19.86 -2.33
CA ARG A 188 -5.57 -19.22 -3.66
C ARG A 188 -4.74 -17.94 -3.52
N ILE A 189 -3.84 -17.77 -4.44
CA ILE A 189 -3.14 -16.50 -4.66
C ILE A 189 -3.86 -15.85 -5.82
N ILE A 190 -4.36 -14.62 -5.65
CA ILE A 190 -4.96 -13.94 -6.82
C ILE A 190 -4.25 -12.62 -7.01
N ASN A 191 -4.14 -12.19 -8.26
CA ASN A 191 -3.44 -10.93 -8.55
C ASN A 191 -4.36 -9.77 -8.14
N GLU A 192 -3.75 -8.66 -7.80
CA GLU A 192 -4.41 -7.43 -7.30
C GLU A 192 -5.41 -6.92 -8.31
N PRO A 193 -5.15 -6.91 -9.62
CA PRO A 193 -6.17 -6.45 -10.56
C PRO A 193 -7.44 -7.30 -10.62
N THR A 194 -7.33 -8.63 -10.54
CA THR A 194 -8.49 -9.51 -10.42
C THR A 194 -9.26 -9.20 -9.14
N ALA A 195 -8.58 -9.07 -8.01
CA ALA A 195 -9.22 -8.76 -6.70
C ALA A 195 -10.06 -7.47 -6.84
N ALA A 196 -9.50 -6.45 -7.45
CA ALA A 196 -10.15 -5.15 -7.65
C ALA A 196 -11.40 -5.34 -8.50
N ALA A 197 -11.27 -6.08 -9.60
CA ALA A 197 -12.42 -6.36 -10.50
C ALA A 197 -13.56 -7.09 -9.76
N LEU A 198 -13.26 -8.03 -8.89
CA LEU A 198 -14.27 -8.74 -8.07
C LEU A 198 -14.91 -7.71 -7.14
N ALA A 199 -14.14 -6.80 -6.55
CA ALA A 199 -14.69 -5.86 -5.54
C ALA A 199 -15.72 -4.94 -6.21
N TYR A 200 -15.39 -4.44 -7.39
CA TYR A 200 -16.19 -3.54 -8.23
C TYR A 200 -17.32 -4.28 -8.94
N GLY A 201 -17.35 -5.60 -8.81
CA GLY A 201 -18.44 -6.45 -9.34
C GLY A 201 -18.51 -6.35 -10.84
N LEU A 202 -17.35 -6.27 -11.49
CA LEU A 202 -17.33 -5.99 -12.94
C LEU A 202 -18.01 -7.18 -13.65
N ASP A 203 -18.79 -6.88 -14.71
CA ASP A 203 -19.60 -7.87 -15.47
C ASP A 203 -18.66 -8.97 -15.99
N LYS A 204 -18.92 -10.21 -15.60
CA LYS A 204 -18.10 -11.38 -16.01
C LYS A 204 -18.58 -11.93 -17.36
N LYS A 205 -19.72 -11.48 -17.91
CA LYS A 205 -20.26 -12.02 -19.18
C LYS A 205 -19.64 -11.23 -20.34
N GLU A 206 -19.54 -11.87 -21.49
CA GLU A 206 -18.98 -11.24 -22.71
C GLU A 206 -17.55 -10.80 -22.39
N GLU A 207 -16.97 -9.95 -23.24
CA GLU A 207 -15.55 -9.56 -23.17
C GLU A 207 -15.48 -8.07 -22.86
N THR A 208 -14.72 -7.72 -21.84
CA THR A 208 -14.53 -6.32 -21.36
CA THR A 208 -14.51 -6.30 -21.42
C THR A 208 -13.04 -6.09 -21.06
N SER A 209 -12.50 -4.91 -21.37
CA SER A 209 -11.11 -4.51 -21.08
C SER A 209 -11.14 -3.39 -20.01
N ILE A 210 -10.47 -3.63 -18.92
CA ILE A 210 -10.46 -2.74 -17.74
C ILE A 210 -9.03 -2.24 -17.53
N LEU A 211 -8.88 -0.93 -17.29
CA LEU A 211 -7.61 -0.40 -16.79
C LEU A 211 -7.71 -0.34 -15.27
N VAL A 212 -6.85 -1.05 -14.55
CA VAL A 212 -6.81 -1.01 -13.09
C VAL A 212 -5.65 -0.09 -12.70
N TYR A 213 -5.99 1.09 -12.17
CA TYR A 213 -5.01 2.12 -11.77
C TYR A 213 -4.92 2.06 -10.26
N ASP A 214 -3.79 1.61 -9.73
CA ASP A 214 -3.61 1.21 -8.30
C ASP A 214 -2.50 2.09 -7.72
N LEU A 215 -2.89 3.18 -7.11
CA LEU A 215 -1.92 4.12 -6.49
C LEU A 215 -2.05 3.97 -4.99
N GLY A 216 -1.02 3.39 -4.37
CA GLY A 216 -1.06 3.10 -2.93
C GLY A 216 -0.25 4.11 -2.13
N GLY A 217 0.22 3.70 -0.96
CA GLY A 217 1.10 4.51 -0.10
C GLY A 217 2.52 4.59 -0.64
N GLY A 218 3.05 3.51 -1.24
CA GLY A 218 4.48 3.50 -1.59
C GLY A 218 4.70 3.15 -3.03
N THR A 219 3.72 2.55 -3.68
CA THR A 219 3.90 1.99 -5.03
CA THR A 219 3.89 1.96 -5.03
C THR A 219 2.72 2.34 -5.94
N PHE A 220 3.01 2.36 -7.22
CA PHE A 220 2.04 2.63 -8.30
C PHE A 220 2.05 1.42 -9.24
N ASP A 221 0.89 0.85 -9.53
CA ASP A 221 0.75 -0.27 -10.52
C ASP A 221 -0.40 0.04 -11.46
N VAL A 222 -0.23 -0.25 -12.74
CA VAL A 222 -1.35 -0.15 -13.70
C VAL A 222 -1.36 -1.42 -14.55
N SER A 223 -2.56 -1.91 -14.85
CA SER A 223 -2.75 -3.22 -15.53
C SER A 223 -3.90 -3.11 -16.49
N ILE A 224 -3.83 -3.83 -17.61
CA ILE A 224 -4.98 -4.03 -18.51
C ILE A 224 -5.49 -5.42 -18.20
N LEU A 225 -6.68 -5.48 -17.65
CA LEU A 225 -7.34 -6.74 -17.22
C LEU A 225 -8.45 -7.00 -18.21
N VAL A 226 -8.41 -8.15 -18.87
CA VAL A 226 -9.50 -8.57 -19.80
C VAL A 226 -10.34 -9.61 -19.08
N ILE A 227 -11.65 -9.41 -19.07
CA ILE A 227 -12.62 -10.36 -18.48
C ILE A 227 -13.45 -10.91 -19.65
N ASP A 228 -13.47 -12.21 -19.79
CA ASP A 228 -14.09 -12.88 -20.97
C ASP A 228 -14.84 -14.09 -20.46
N ASN A 229 -16.18 -14.01 -20.39
CA ASN A 229 -17.01 -15.17 -20.01
C ASN A 229 -16.50 -15.73 -18.66
N GLY A 230 -16.15 -14.84 -17.72
CA GLY A 230 -15.82 -15.26 -16.35
C GLY A 230 -14.34 -15.55 -16.14
N VAL A 231 -13.53 -15.54 -17.19
CA VAL A 231 -12.07 -15.78 -17.12
C VAL A 231 -11.38 -14.42 -17.10
N PHE A 232 -10.53 -14.25 -16.11
CA PHE A 232 -9.75 -13.00 -15.89
C PHE A 232 -8.34 -13.16 -16.44
N GLU A 233 -7.86 -12.23 -17.27
CA GLU A 233 -6.45 -12.29 -17.73
C GLU A 233 -5.88 -10.88 -17.69
N VAL A 234 -4.73 -10.71 -17.04
CA VAL A 234 -3.96 -9.44 -17.10
C VAL A 234 -3.06 -9.45 -18.34
N TYR A 235 -3.46 -8.72 -19.38
CA TYR A 235 -2.77 -8.63 -20.70
C TYR A 235 -1.48 -7.82 -20.60
N ALA A 236 -1.38 -6.92 -19.63
CA ALA A 236 -0.18 -6.07 -19.54
C ALA A 236 -0.14 -5.42 -18.16
N THR A 237 1.04 -5.18 -17.65
CA THR A 237 1.21 -4.57 -16.31
C THR A 237 2.49 -3.73 -16.32
N ALA A 238 2.41 -2.54 -15.73
CA ALA A 238 3.59 -1.62 -15.61
C ALA A 238 3.40 -0.80 -14.33
N GLY A 239 4.38 -0.03 -13.93
CA GLY A 239 4.18 0.74 -12.69
C GLY A 239 5.44 1.48 -12.37
N ASN A 240 5.50 1.92 -11.12
CA ASN A 240 6.64 2.68 -10.54
C ASN A 240 6.67 2.28 -9.08
N THR A 241 7.70 1.59 -8.69
CA THR A 241 7.79 0.95 -7.37
C THR A 241 8.06 2.04 -6.33
N HIS A 242 8.46 3.25 -6.68
CA HIS A 242 8.76 4.30 -5.69
C HIS A 242 7.90 5.55 -5.93
N LEU A 243 6.57 5.40 -5.96
CA LEU A 243 5.64 6.51 -6.27
C LEU A 243 4.32 6.18 -5.60
N GLY A 244 3.96 6.94 -4.57
CA GLY A 244 2.72 6.73 -3.82
C GLY A 244 2.41 7.91 -2.96
N GLY A 245 1.38 7.77 -2.15
CA GLY A 245 0.94 8.78 -1.18
C GLY A 245 2.04 9.27 -0.29
N GLU A 246 2.96 8.39 0.13
CA GLU A 246 4.05 8.76 1.08
C GLU A 246 4.95 9.82 0.41
N ASP A 247 5.13 9.72 -0.90
CA ASP A 247 5.92 10.71 -1.70
C ASP A 247 5.23 12.06 -1.73
N PHE A 248 3.91 12.08 -1.79
CA PHE A 248 3.13 13.35 -1.83
C PHE A 248 3.26 14.02 -0.47
N ASP A 249 3.21 13.23 0.60
CA ASP A 249 3.42 13.75 1.97
C ASP A 249 4.83 14.35 2.05
N GLN A 250 5.85 13.63 1.59
CA GLN A 250 7.23 14.15 1.65
C GLN A 250 7.36 15.52 0.96
N ARG A 251 6.76 15.74 -0.22
CA ARG A 251 6.82 17.01 -0.95
C ARG A 251 6.30 18.13 -0.03
N VAL A 252 5.25 17.86 0.71
CA VAL A 252 4.63 18.86 1.60
C VAL A 252 5.57 19.11 2.77
N MET A 253 6.11 18.03 3.34
N MET A 253 6.12 18.04 3.34
CA MET A 253 7.09 18.08 4.45
CA MET A 253 7.04 18.19 4.49
C MET A 253 8.24 18.98 4.05
C MET A 253 8.26 18.99 4.06
N ASP A 254 8.80 18.73 2.87
CA ASP A 254 9.98 19.48 2.38
C ASP A 254 9.67 20.97 2.37
N TYR A 255 8.49 21.34 1.82
CA TYR A 255 8.05 22.76 1.70
C TYR A 255 7.93 23.39 3.08
N PHE A 256 7.24 22.74 4.01
CA PHE A 256 6.97 23.35 5.34
C PHE A 256 8.25 23.36 6.20
N ILE A 257 9.15 22.43 5.99
CA ILE A 257 10.46 22.46 6.72
C ILE A 257 11.23 23.70 6.27
N LYS A 258 11.27 23.97 4.97
CA LYS A 258 11.91 25.17 4.45
C LYS A 258 11.24 26.41 4.99
N MET A 259 9.90 26.48 4.96
CA MET A 259 9.19 27.71 5.46
C MET A 259 9.48 27.91 6.95
N PHE A 260 9.44 26.85 7.75
CA PHE A 260 9.61 26.95 9.21
C PHE A 260 11.02 27.49 9.54
N LYS A 261 12.01 27.03 8.77
CA LYS A 261 13.41 27.51 8.85
C LYS A 261 13.44 29.02 8.51
N LYS A 262 12.80 29.44 7.44
CA LYS A 262 12.81 30.88 7.04
C LYS A 262 12.21 31.74 8.16
N LYS A 263 11.14 31.28 8.76
CA LYS A 263 10.35 32.12 9.69
C LYS A 263 10.91 32.03 11.12
N ASN A 264 11.64 30.97 11.49
CA ASN A 264 11.94 30.74 12.92
C ASN A 264 13.43 30.45 13.18
N ASN A 265 14.22 30.26 12.14
CA ASN A 265 15.65 29.85 12.23
C ASN A 265 15.73 28.51 12.95
N ILE A 266 14.73 27.66 12.76
CA ILE A 266 14.72 26.26 13.30
C ILE A 266 14.60 25.36 12.10
N ASP A 267 15.52 24.42 11.96
CA ASP A 267 15.48 23.36 10.94
C ASP A 267 14.86 22.15 11.62
N LEU A 268 13.59 21.86 11.36
CA LEU A 268 12.87 20.78 12.08
C LEU A 268 13.59 19.43 11.84
N ARG A 269 14.38 19.28 10.77
CA ARG A 269 15.06 17.96 10.50
C ARG A 269 16.04 17.64 11.64
N THR A 270 16.46 18.63 12.42
CA THR A 270 17.40 18.43 13.55
C THR A 270 16.72 17.76 14.73
N ASP A 271 15.38 17.61 14.72
CA ASP A 271 14.62 16.93 15.79
C ASP A 271 13.68 15.86 15.19
N LYS A 272 14.02 14.58 15.32
CA LYS A 272 13.24 13.46 14.72
C LYS A 272 11.80 13.46 15.26
N ARG A 273 11.58 13.76 16.52
CA ARG A 273 10.23 13.80 17.14
C ARG A 273 9.37 14.91 16.51
N ALA A 274 9.98 16.07 16.24
CA ALA A 274 9.32 17.20 15.56
C ALA A 274 8.84 16.74 14.17
N ILE A 275 9.68 16.06 13.42
CA ILE A 275 9.37 15.58 12.06
C ILE A 275 8.21 14.61 12.17
N GLN A 276 8.21 13.68 13.13
CA GLN A 276 7.13 12.67 13.28
C GLN A 276 5.80 13.39 13.55
N LYS A 277 5.80 14.36 14.43
CA LYS A 277 4.55 15.14 14.74
C LYS A 277 4.07 15.83 13.45
N LEU A 278 4.96 16.48 12.73
CA LEU A 278 4.59 17.18 11.48
C LEU A 278 4.04 16.21 10.45
N ARG A 279 4.70 15.07 10.29
N ARG A 279 4.69 15.06 10.26
CA ARG A 279 4.33 14.05 9.28
CA ARG A 279 4.29 14.07 9.22
C ARG A 279 2.89 13.62 9.55
C ARG A 279 2.86 13.62 9.55
N LYS A 280 2.52 13.41 10.82
CA LYS A 280 1.14 12.95 11.20
C LYS A 280 0.13 13.99 10.74
N GLU A 281 0.42 15.28 10.98
CA GLU A 281 -0.55 16.35 10.63
C GLU A 281 -0.57 16.57 9.13
N VAL A 282 0.56 16.49 8.44
CA VAL A 282 0.63 16.62 6.95
C VAL A 282 -0.24 15.53 6.29
N GLU A 283 -0.16 14.30 6.76
CA GLU A 283 -0.94 13.17 6.21
C GLU A 283 -2.44 13.47 6.34
N ILE A 284 -2.86 13.94 7.50
CA ILE A 284 -4.28 14.32 7.71
C ILE A 284 -4.64 15.46 6.77
N ALA A 285 -3.77 16.49 6.67
CA ALA A 285 -4.05 17.64 5.78
C ALA A 285 -4.26 17.14 4.37
N LYS A 286 -3.38 16.28 3.87
CA LYS A 286 -3.50 15.77 2.51
C LYS A 286 -4.90 15.13 2.32
N ARG A 287 -5.29 14.28 3.24
CA ARG A 287 -6.58 13.57 3.13
C ARG A 287 -7.71 14.62 3.10
N ASN A 288 -7.64 15.60 3.99
CA ASN A 288 -8.64 16.68 4.04
C ASN A 288 -8.75 17.35 2.67
N LEU A 289 -7.62 17.57 2.00
CA LEU A 289 -7.59 18.33 0.76
C LEU A 289 -8.16 17.54 -0.42
N SER A 290 -8.51 16.26 -0.20
CA SER A 290 -9.28 15.51 -1.20
C SER A 290 -10.75 15.95 -1.18
N VAL A 291 -11.19 16.66 -0.15
CA VAL A 291 -12.61 17.09 -0.01
C VAL A 291 -12.69 18.62 0.07
N VAL A 292 -11.86 19.27 0.89
CA VAL A 292 -11.90 20.75 1.03
C VAL A 292 -10.74 21.37 0.26
N HIS A 293 -10.71 22.69 0.20
CA HIS A 293 -9.74 23.46 -0.60
C HIS A 293 -8.62 24.04 0.26
N SER A 294 -8.85 24.16 1.58
N SER A 294 -8.84 24.11 1.57
CA SER A 294 -7.92 24.79 2.55
CA SER A 294 -7.94 24.79 2.54
C SER A 294 -8.02 24.04 3.87
C SER A 294 -8.01 24.06 3.87
N THR A 295 -6.86 23.78 4.50
CA THR A 295 -6.82 23.10 5.79
C THR A 295 -5.67 23.65 6.63
N GLN A 296 -5.84 23.58 7.96
CA GLN A 296 -4.80 24.07 8.90
C GLN A 296 -3.93 22.89 9.30
N ILE A 297 -2.64 23.10 9.44
CA ILE A 297 -1.71 22.10 10.00
C ILE A 297 -1.17 22.73 11.28
N GLU A 298 -1.45 22.13 12.44
CA GLU A 298 -1.20 22.75 13.75
C GLU A 298 -0.51 21.75 14.68
N ILE A 299 0.65 22.09 15.20
CA ILE A 299 1.37 21.30 16.24
C ILE A 299 1.77 22.31 17.33
N GLU A 300 1.20 22.17 18.52
CA GLU A 300 1.65 22.94 19.69
C GLU A 300 3.05 22.47 20.09
N ASP A 301 3.97 23.40 20.32
CA ASP A 301 5.29 23.04 20.85
C ASP A 301 5.90 21.95 19.97
N ILE A 302 5.98 22.21 18.66
CA ILE A 302 6.58 21.20 17.74
C ILE A 302 8.03 20.97 18.19
N VAL A 303 8.69 22.03 18.65
CA VAL A 303 9.85 21.98 19.58
C VAL A 303 9.48 22.83 20.78
N GLU A 304 10.16 22.73 21.91
CA GLU A 304 9.73 23.46 23.14
C GLU A 304 9.68 24.97 22.81
N GLY A 305 8.55 25.63 23.09
CA GLY A 305 8.44 27.09 22.98
C GLY A 305 8.07 27.58 21.59
N HIS A 306 7.86 26.68 20.64
CA HIS A 306 7.59 27.07 19.22
C HIS A 306 6.43 26.22 18.68
N ASN A 307 5.37 26.90 18.28
CA ASN A 307 4.21 26.23 17.68
C ASN A 307 4.41 26.22 16.17
N PHE A 308 3.84 25.20 15.54
CA PHE A 308 3.73 25.15 14.08
C PHE A 308 2.28 25.46 13.75
N SER A 309 2.08 26.41 12.86
CA SER A 309 0.71 26.78 12.42
C SER A 309 0.72 27.25 10.97
N GLU A 310 0.21 26.43 10.06
CA GLU A 310 0.24 26.80 8.63
C GLU A 310 -1.12 26.46 8.01
N THR A 311 -1.38 27.10 6.89
CA THR A 311 -2.49 26.75 5.98
C THR A 311 -1.87 26.08 4.76
N LEU A 312 -2.48 25.00 4.30
CA LEU A 312 -2.14 24.37 3.01
C LEU A 312 -3.41 24.38 2.16
N THR A 313 -3.28 24.88 0.98
CA THR A 313 -4.37 24.84 0.00
C THR A 313 -4.24 23.61 -0.88
N ARG A 314 -5.36 23.25 -1.48
CA ARG A 314 -5.35 22.18 -2.52
C ARG A 314 -4.45 22.63 -3.68
N ALA A 315 -4.54 23.89 -4.11
CA ALA A 315 -3.70 24.38 -5.24
C ALA A 315 -2.19 24.23 -4.90
N LYS A 316 -1.75 24.52 -3.67
CA LYS A 316 -0.31 24.38 -3.33
C LYS A 316 0.06 22.89 -3.22
N PHE A 317 -0.82 22.09 -2.65
CA PHE A 317 -0.66 20.61 -2.57
C PHE A 317 -0.41 20.05 -3.99
N GLU A 318 -1.23 20.44 -4.97
CA GLU A 318 -1.13 19.99 -6.37
C GLU A 318 0.16 20.55 -6.99
N GLU A 319 0.46 21.82 -6.75
CA GLU A 319 1.69 22.42 -7.30
C GLU A 319 2.90 21.65 -6.80
N LEU A 320 2.92 21.27 -5.53
CA LEU A 320 4.09 20.59 -4.92
C LEU A 320 4.32 19.18 -5.51
N ASN A 321 3.28 18.59 -6.10
CA ASN A 321 3.26 17.15 -6.49
C ASN A 321 2.93 16.90 -7.96
N ASP A 322 2.66 17.95 -8.71
CA ASP A 322 2.11 17.82 -10.06
C ASP A 322 3.01 16.95 -10.95
N ASP A 323 4.31 17.07 -10.86
CA ASP A 323 5.24 16.23 -11.66
C ASP A 323 5.08 14.73 -11.28
N LEU A 324 5.00 14.41 -9.98
CA LEU A 324 4.70 13.05 -9.47
C LEU A 324 3.35 12.56 -9.96
N PHE A 325 2.30 13.39 -9.97
CA PHE A 325 0.99 12.94 -10.46
C PHE A 325 1.07 12.56 -11.94
N ARG A 326 1.76 13.40 -12.73
CA ARG A 326 1.85 13.23 -14.20
C ARG A 326 2.75 12.04 -14.50
N GLU A 327 3.69 11.70 -13.61
CA GLU A 327 4.55 10.51 -13.76
C GLU A 327 3.70 9.23 -13.79
N THR A 328 2.52 9.21 -13.17
CA THR A 328 1.68 7.98 -13.18
C THR A 328 1.19 7.66 -14.60
N LEU A 329 1.21 8.63 -15.52
CA LEU A 329 0.76 8.42 -16.91
C LEU A 329 1.79 7.66 -17.73
N GLU A 330 3.06 7.63 -17.33
CA GLU A 330 4.12 6.94 -18.13
C GLU A 330 3.84 5.43 -18.16
N PRO A 331 3.57 4.77 -17.01
CA PRO A 331 3.15 3.36 -17.02
C PRO A 331 1.86 3.11 -17.78
N VAL A 332 0.89 4.03 -17.76
CA VAL A 332 -0.39 3.85 -18.48
C VAL A 332 -0.12 3.81 -19.99
N LYS A 333 0.71 4.70 -20.51
CA LYS A 333 1.13 4.63 -21.95
C LYS A 333 1.84 3.31 -22.28
N LYS A 334 2.75 2.87 -21.42
CA LYS A 334 3.47 1.60 -21.61
C LYS A 334 2.49 0.41 -21.67
N VAL A 335 1.52 0.31 -20.78
CA VAL A 335 0.64 -0.90 -20.86
C VAL A 335 -0.23 -0.81 -22.11
N LEU A 336 -0.73 0.38 -22.47
CA LEU A 336 -1.53 0.54 -23.73
C LEU A 336 -0.65 0.15 -24.94
N ASP A 337 0.62 0.56 -24.94
CA ASP A 337 1.62 0.15 -25.95
C ASP A 337 1.83 -1.39 -25.94
N ASP A 338 2.17 -2.02 -24.80
N ASP A 338 2.11 -1.97 -24.77
CA ASP A 338 2.45 -3.48 -24.73
CA ASP A 338 2.44 -3.41 -24.58
C ASP A 338 1.26 -4.23 -25.34
C ASP A 338 1.30 -4.30 -25.09
N ALA A 339 0.04 -3.86 -24.98
CA ALA A 339 -1.17 -4.63 -25.37
C ALA A 339 -1.61 -4.27 -26.78
N LYS A 340 -1.05 -3.20 -27.35
CA LYS A 340 -1.41 -2.65 -28.69
C LYS A 340 -2.84 -2.16 -28.66
N TYR A 341 -3.18 -1.42 -27.61
CA TYR A 341 -4.54 -0.89 -27.35
C TYR A 341 -4.54 0.58 -27.77
N GLU A 342 -5.58 1.02 -28.48
CA GLU A 342 -6.03 2.44 -28.49
C GLU A 342 -6.63 2.75 -27.13
N LYS A 343 -6.65 4.04 -26.70
CA LYS A 343 -7.27 4.45 -25.43
C LYS A 343 -8.72 4.02 -25.42
N SER A 344 -9.40 4.14 -26.57
CA SER A 344 -10.85 3.88 -26.71
C SER A 344 -11.13 2.40 -26.46
N LYS A 345 -10.12 1.53 -26.58
CA LYS A 345 -10.28 0.05 -26.38
C LYS A 345 -10.62 -0.23 -24.91
N ILE A 346 -10.19 0.65 -23.99
CA ILE A 346 -10.57 0.47 -22.56
C ILE A 346 -12.04 0.76 -22.38
N ASP A 347 -12.78 -0.17 -21.78
CA ASP A 347 -14.23 -0.10 -21.53
C ASP A 347 -14.44 0.59 -20.20
N GLU A 348 -13.57 0.37 -19.23
CA GLU A 348 -13.80 0.91 -17.86
C GLU A 348 -12.44 1.16 -17.21
N ILE A 349 -12.28 2.27 -16.51
CA ILE A 349 -11.05 2.55 -15.71
C ILE A 349 -11.48 2.38 -14.25
N VAL A 350 -10.84 1.54 -13.46
CA VAL A 350 -11.20 1.44 -12.04
C VAL A 350 -9.98 1.87 -11.21
N LEU A 351 -10.28 2.58 -10.13
CA LEU A 351 -9.27 3.21 -9.28
C LEU A 351 -9.16 2.40 -8.01
N VAL A 352 -7.94 2.06 -7.61
CA VAL A 352 -7.63 1.33 -6.38
C VAL A 352 -6.55 2.11 -5.61
N GLY A 353 -6.62 2.10 -4.29
CA GLY A 353 -5.71 2.84 -3.40
C GLY A 353 -6.32 4.17 -2.98
N GLY A 354 -6.08 4.55 -1.75
CA GLY A 354 -6.63 5.78 -1.14
C GLY A 354 -6.13 7.01 -1.85
N SER A 355 -4.97 6.94 -2.51
CA SER A 355 -4.36 8.09 -3.21
C SER A 355 -5.20 8.45 -4.43
N THR A 356 -6.01 7.51 -4.95
CA THR A 356 -6.83 7.79 -6.12
C THR A 356 -7.99 8.70 -5.74
N ARG A 357 -8.17 9.03 -4.48
CA ARG A 357 -9.19 10.01 -4.02
C ARG A 357 -8.73 11.44 -4.34
N ILE A 358 -7.44 11.63 -4.57
CA ILE A 358 -6.93 12.99 -4.90
C ILE A 358 -7.61 13.48 -6.16
N PRO A 359 -8.35 14.63 -6.14
CA PRO A 359 -9.05 15.08 -7.33
C PRO A 359 -8.18 15.27 -8.57
N LYS A 360 -6.96 15.77 -8.40
CA LYS A 360 -6.09 16.03 -9.55
C LYS A 360 -5.75 14.71 -10.23
N ILE A 361 -5.59 13.65 -9.46
CA ILE A 361 -5.29 12.29 -10.04
C ILE A 361 -6.44 11.92 -10.98
N GLN A 362 -7.66 11.98 -10.49
CA GLN A 362 -8.84 11.66 -11.30
C GLN A 362 -8.91 12.52 -12.57
N GLN A 363 -8.55 13.81 -12.48
N GLN A 363 -8.57 13.81 -12.48
CA GLN A 363 -8.65 14.76 -13.61
CA GLN A 363 -8.66 14.78 -13.59
C GLN A 363 -7.64 14.37 -14.68
C GLN A 363 -7.65 14.37 -14.66
N ILE A 364 -6.43 14.07 -14.25
CA ILE A 364 -5.31 13.74 -15.16
C ILE A 364 -5.64 12.42 -15.90
N ILE A 365 -6.28 11.48 -15.24
CA ILE A 365 -6.60 10.18 -15.88
C ILE A 365 -7.68 10.45 -16.92
N LYS A 366 -8.73 11.16 -16.53
CA LYS A 366 -9.87 11.48 -17.42
C LYS A 366 -9.36 12.19 -18.66
N GLU A 367 -8.52 13.19 -18.50
CA GLU A 367 -7.95 13.96 -19.63
C GLU A 367 -7.08 13.07 -20.52
N PHE A 368 -6.25 12.19 -19.96
CA PHE A 368 -5.43 11.24 -20.75
C PHE A 368 -6.35 10.38 -21.64
N PHE A 369 -7.50 9.98 -21.13
CA PHE A 369 -8.46 9.09 -21.82
C PHE A 369 -9.53 9.92 -22.54
N ASN A 370 -9.18 11.18 -22.88
CA ASN A 370 -10.02 12.02 -23.76
C ASN A 370 -11.40 12.12 -23.20
N GLY A 371 -11.58 12.20 -21.87
CA GLY A 371 -12.86 12.55 -21.24
C GLY A 371 -13.60 11.38 -20.63
N LYS A 372 -13.11 10.15 -20.83
N LYS A 372 -13.11 10.15 -20.83
CA LYS A 372 -13.70 8.95 -20.21
CA LYS A 372 -13.68 8.93 -20.21
C LYS A 372 -13.64 9.08 -18.68
C LYS A 372 -13.63 9.07 -18.69
N GLU A 373 -14.77 8.91 -18.01
CA GLU A 373 -14.84 9.05 -16.53
C GLU A 373 -14.22 7.80 -15.90
N PRO A 374 -13.24 7.85 -14.97
CA PRO A 374 -12.83 6.65 -14.24
C PRO A 374 -13.88 6.30 -13.19
N ASN A 375 -14.06 5.00 -12.92
CA ASN A 375 -14.89 4.49 -11.80
C ASN A 375 -14.04 4.54 -10.51
N ARG A 376 -14.42 5.43 -9.59
N ARG A 376 -14.39 5.39 -9.55
CA ARG A 376 -13.97 5.45 -8.19
CA ARG A 376 -13.81 5.22 -8.20
C ARG A 376 -15.07 4.66 -7.45
C ARG A 376 -14.96 4.75 -7.31
N GLY A 377 -14.75 3.63 -6.65
CA GLY A 377 -15.67 3.08 -5.63
C GLY A 377 -15.67 3.97 -4.44
N ILE A 378 -16.47 3.65 -3.47
CA ILE A 378 -16.54 4.56 -2.30
C ILE A 378 -15.23 4.44 -1.51
N ASN A 379 -14.67 3.23 -1.40
CA ASN A 379 -13.50 2.98 -0.51
C ASN A 379 -12.42 2.26 -1.31
N PRO A 380 -11.67 2.99 -2.17
CA PRO A 380 -10.66 2.37 -3.05
C PRO A 380 -9.49 1.75 -2.26
N ASP A 381 -9.28 2.19 -1.03
CA ASP A 381 -8.23 1.69 -0.11
C ASP A 381 -8.50 0.23 0.29
N GLU A 382 -9.74 -0.22 0.26
CA GLU A 382 -10.08 -1.58 0.75
C GLU A 382 -10.44 -2.51 -0.40
N ALA A 383 -10.46 -2.04 -1.65
CA ALA A 383 -11.01 -2.75 -2.83
C ALA A 383 -10.29 -4.09 -3.02
N VAL A 384 -8.98 -4.09 -2.86
CA VAL A 384 -8.22 -5.36 -3.01
C VAL A 384 -8.61 -6.37 -1.95
N ALA A 385 -8.63 -6.00 -0.68
CA ALA A 385 -9.03 -6.93 0.38
C ALA A 385 -10.49 -7.36 0.18
N TYR A 386 -11.33 -6.42 -0.19
CA TYR A 386 -12.75 -6.74 -0.50
C TYR A 386 -12.82 -7.86 -1.55
N GLY A 387 -12.09 -7.73 -2.65
CA GLY A 387 -12.03 -8.76 -3.72
C GLY A 387 -11.48 -10.09 -3.27
N ALA A 388 -10.42 -10.06 -2.44
CA ALA A 388 -9.88 -11.28 -1.82
C ALA A 388 -11.00 -12.01 -1.03
N ALA A 389 -11.76 -11.27 -0.24
CA ALA A 389 -12.85 -11.84 0.57
C ALA A 389 -13.96 -12.42 -0.34
N ILE A 390 -14.26 -11.74 -1.44
N ILE A 390 -14.26 -11.74 -1.43
CA ILE A 390 -15.23 -12.22 -2.45
CA ILE A 390 -15.23 -12.25 -2.43
C ILE A 390 -14.69 -13.52 -3.07
C ILE A 390 -14.68 -13.56 -3.01
N GLN A 391 -13.39 -13.57 -3.39
CA GLN A 391 -12.76 -14.80 -3.95
C GLN A 391 -12.94 -15.92 -2.94
N ALA A 392 -12.73 -15.64 -1.65
CA ALA A 392 -12.90 -16.64 -0.57
C ALA A 392 -14.36 -17.19 -0.59
N GLY A 393 -15.33 -16.29 -0.63
CA GLY A 393 -16.75 -16.66 -0.82
C GLY A 393 -17.00 -17.50 -2.04
N ILE A 394 -16.42 -17.15 -3.20
CA ILE A 394 -16.60 -17.89 -4.47
C ILE A 394 -16.06 -19.31 -4.31
N ILE A 395 -14.88 -19.46 -3.73
CA ILE A 395 -14.23 -20.80 -3.57
C ILE A 395 -15.08 -21.71 -2.68
N LEU A 396 -15.64 -21.18 -1.60
CA LEU A 396 -16.51 -22.01 -0.71
C LEU A 396 -17.86 -22.39 -1.38
N GLY A 397 -18.40 -21.58 -2.29
CA GLY A 397 -19.75 -21.78 -2.87
C GLY A 397 -20.89 -21.55 -1.86
O3 H5V B . -0.61 7.22 1.34
O4 H5V B . -3.33 3.55 0.08
C9 H5V B . -2.86 7.45 2.33
C10 H5V B . -3.72 7.55 1.06
C11 H5V B . -1.76 6.52 1.83
C12 H5V B . -2.48 5.63 0.77
C13 H5V B . -3.51 6.91 3.61
C14 H5V B . -2.61 4.14 1.10
C15 H5V B . -5.51 9.28 0.75
O1 H5V B . -3.81 6.20 0.63
O2 H5V B . -2.31 8.76 2.59
N5 H5V B . -5.07 8.07 1.20
N6 H5V B . -4.80 10.12 0.00
N7 H5V B . -6.72 11.57 0.11
N8 H5V B . -8.67 11.03 1.28
C16 H5V B . -6.11 7.47 1.90
C17 H5V B . -6.82 9.47 1.21
C18 H5V B . -7.20 8.29 1.92
C19 H5V B . -7.41 10.71 0.90
C20 H5V B . -5.49 11.23 -0.29
O3 H5V C . 16.04 36.41 10.86
O4 H5V C . 13.72 38.72 8.65
C9 H5V C . 13.84 35.96 11.77
C10 H5V C . 12.56 36.83 11.81
C11 H5V C . 14.66 36.66 10.67
C12 H5V C . 14.33 38.16 10.95
C13 H5V C . 13.70 34.44 11.60
C14 H5V C . 14.51 39.09 9.78
C15 H5V C . 10.19 36.10 11.29
O1 H5V C . 12.95 38.16 11.35
O2 H5V C . 14.46 36.23 13.04
N5 H5V C . 11.49 36.34 10.92
N6 H5V C . 9.73 36.03 12.55
N7 H5V C . 7.62 35.40 11.60
N8 H5V C . 7.31 35.11 9.35
C16 H5V C . 11.58 36.18 9.54
C17 H5V C . 9.44 35.85 10.13
C18 H5V C . 10.36 35.90 9.02
C19 H5V C . 8.09 35.48 10.34
C20 H5V C . 8.46 35.64 12.61
S SO4 D . 0.78 0.14 -1.06
O1 SO4 D . 1.24 -0.95 -0.28
O2 SO4 D . -0.02 -0.29 -2.16
O3 SO4 D . -0.03 0.98 -0.18
O4 SO4 D . 1.90 0.85 -1.64
S SO4 E . 4.19 33.85 10.93
O1 SO4 E . 2.99 34.51 11.33
O2 SO4 E . 3.87 32.47 10.82
O3 SO4 E . 5.21 34.07 11.99
O4 SO4 E . 4.69 34.43 9.71
#